data_1YVW
#
_entry.id   1YVW
#
_cell.length_a   81.959
_cell.length_b   81.959
_cell.length_c   222.978
_cell.angle_alpha   90.00
_cell.angle_beta   90.00
_cell.angle_gamma   120.00
#
_symmetry.space_group_name_H-M   'P 65 2 2'
#
loop_
_entity.id
_entity.type
_entity.pdbx_description
1 polymer 'Phosphoribosyl-ATP pyrophosphatase'
2 water water
#
_entity_poly.entity_id   1
_entity_poly.type   'polypeptide(L)'
_entity_poly.pdbx_seq_one_letter_code
;(MSE)ENAFKLLYKTIEERKGSPLPESYTNYLFSKGEDKILKKIGEECAEVIIACKNNDKEEVVKE(MSE)VDVFYHCFV
LLAEKNIALEDV(MSE)REVKERNGKLSRVGDRREIDTLLEHHHHHH
;
_entity_poly.pdbx_strand_id   A,B,C,D
#
# COMPACT_ATOMS: atom_id res chain seq x y z
N ALA A 4 2.69 -24.45 11.97
CA ALA A 4 1.52 -23.53 12.18
C ALA A 4 1.16 -22.82 10.88
N PHE A 5 2.17 -22.35 10.16
CA PHE A 5 1.93 -21.68 8.89
C PHE A 5 1.40 -22.72 7.91
N LYS A 6 1.93 -23.94 7.99
CA LYS A 6 1.51 -25.02 7.10
C LYS A 6 0.09 -25.44 7.47
N LEU A 7 -0.22 -25.40 8.75
CA LEU A 7 -1.54 -25.76 9.25
C LEU A 7 -2.57 -24.78 8.72
N LEU A 8 -2.23 -23.49 8.75
CA LEU A 8 -3.10 -22.42 8.28
C LEU A 8 -3.36 -22.59 6.79
N TYR A 9 -2.30 -22.86 6.04
CA TYR A 9 -2.42 -23.03 4.59
C TYR A 9 -3.31 -24.23 4.24
N LYS A 10 -3.09 -25.35 4.93
CA LYS A 10 -3.86 -26.58 4.69
C LYS A 10 -5.35 -26.31 4.94
N THR A 11 -5.65 -25.61 6.03
CA THR A 11 -7.02 -25.28 6.39
C THR A 11 -7.69 -24.42 5.30
N ILE A 12 -6.93 -23.48 4.76
CA ILE A 12 -7.41 -22.58 3.72
C ILE A 12 -7.68 -23.40 2.44
N GLU A 13 -6.82 -24.39 2.19
CA GLU A 13 -6.95 -25.28 1.04
C GLU A 13 -8.21 -26.16 1.15
N GLU A 14 -8.48 -26.62 2.37
CA GLU A 14 -9.63 -27.47 2.64
C GLU A 14 -10.94 -26.72 2.41
N ARG A 15 -10.91 -25.40 2.62
CA ARG A 15 -12.08 -24.56 2.41
C ARG A 15 -12.35 -24.31 0.94
N LYS A 16 -11.30 -24.36 0.14
CA LYS A 16 -11.43 -24.14 -1.30
C LYS A 16 -12.15 -25.32 -1.97
N GLY A 17 -12.02 -26.51 -1.37
CA GLY A 17 -12.64 -27.70 -1.90
C GLY A 17 -14.01 -28.00 -1.32
N SER A 18 -14.19 -27.67 -0.03
CA SER A 18 -15.47 -27.86 0.67
C SER A 18 -15.94 -26.48 1.13
N PRO A 19 -16.61 -25.73 0.24
CA PRO A 19 -17.15 -24.39 0.47
C PRO A 19 -18.32 -24.27 1.41
N LEU A 20 -18.21 -23.30 2.29
CA LEU A 20 -19.22 -22.97 3.28
C LEU A 20 -19.41 -21.47 3.06
N PRO A 21 -20.44 -21.08 2.29
CA PRO A 21 -20.74 -19.67 2.01
C PRO A 21 -20.70 -18.77 3.25
N GLU A 22 -20.92 -19.36 4.42
CA GLU A 22 -20.92 -18.63 5.68
C GLU A 22 -19.51 -18.19 6.08
N SER A 23 -18.51 -18.91 5.59
CA SER A 23 -17.12 -18.62 5.91
C SER A 23 -16.49 -17.48 5.10
N TYR A 24 -15.59 -16.75 5.77
CA TYR A 24 -14.90 -15.62 5.18
C TYR A 24 -13.96 -16.07 4.05
N THR A 25 -13.28 -17.20 4.26
CA THR A 25 -12.36 -17.73 3.27
C THR A 25 -13.07 -18.04 1.96
N ASN A 26 -14.26 -18.64 2.05
CA ASN A 26 -15.03 -18.94 0.86
C ASN A 26 -15.53 -17.66 0.21
N TYR A 27 -15.87 -16.67 1.04
CA TYR A 27 -16.33 -15.37 0.54
C TYR A 27 -15.20 -14.79 -0.33
N LEU A 28 -13.97 -14.93 0.15
CA LEU A 28 -12.80 -14.43 -0.58
C LEU A 28 -12.60 -15.17 -1.89
N PHE A 29 -12.72 -16.50 -1.86
CA PHE A 29 -12.54 -17.30 -3.08
C PHE A 29 -13.62 -16.98 -4.09
N SER A 30 -14.84 -16.73 -3.63
CA SER A 30 -15.92 -16.40 -4.53
C SER A 30 -15.72 -15.03 -5.17
N LYS A 31 -15.27 -14.05 -4.40
CA LYS A 31 -15.03 -12.71 -4.95
C LYS A 31 -13.75 -12.73 -5.79
N GLY A 32 -12.85 -13.65 -5.48
CA GLY A 32 -11.63 -13.76 -6.25
C GLY A 32 -10.41 -12.90 -5.91
N GLU A 33 -9.42 -13.05 -6.79
CA GLU A 33 -8.13 -12.38 -6.75
C GLU A 33 -8.12 -10.90 -6.34
N ASP A 34 -8.90 -10.09 -7.05
CA ASP A 34 -8.97 -8.65 -6.79
C ASP A 34 -9.43 -8.28 -5.38
N LYS A 35 -10.31 -9.09 -4.80
CA LYS A 35 -10.79 -8.84 -3.46
C LYS A 35 -9.68 -9.12 -2.46
N ILE A 36 -8.97 -10.23 -2.65
CA ILE A 36 -7.88 -10.65 -1.78
C ILE A 36 -6.74 -9.64 -1.81
N LEU A 37 -6.39 -9.19 -3.00
CA LEU A 37 -5.32 -8.23 -3.19
C LEU A 37 -5.63 -6.91 -2.49
N LYS A 38 -6.89 -6.48 -2.56
CA LYS A 38 -7.31 -5.25 -1.89
C LYS A 38 -7.14 -5.40 -0.37
N LYS A 39 -7.45 -6.59 0.13
CA LYS A 39 -7.32 -6.88 1.54
C LYS A 39 -5.87 -6.82 1.97
N ILE A 40 -4.98 -7.34 1.13
CA ILE A 40 -3.56 -7.35 1.43
C ILE A 40 -3.02 -5.93 1.51
N GLY A 41 -3.48 -5.06 0.61
CA GLY A 41 -3.03 -3.69 0.59
C GLY A 41 -3.51 -2.95 1.83
N GLU A 42 -4.76 -3.15 2.16
CA GLU A 42 -5.39 -2.53 3.32
C GLU A 42 -4.70 -2.97 4.60
N GLU A 43 -4.48 -4.27 4.73
CA GLU A 43 -3.82 -4.86 5.88
C GLU A 43 -2.38 -4.38 6.05
N CYS A 44 -1.69 -4.20 4.93
CA CYS A 44 -0.32 -3.72 4.93
C CYS A 44 -0.29 -2.30 5.51
N ALA A 45 -1.25 -1.48 5.09
CA ALA A 45 -1.35 -0.12 5.60
C ALA A 45 -1.63 -0.17 7.11
N GLU A 46 -2.46 -1.11 7.54
CA GLU A 46 -2.78 -1.27 8.95
C GLU A 46 -1.56 -1.66 9.78
N VAL A 47 -0.63 -2.41 9.18
CA VAL A 47 0.59 -2.82 9.86
C VAL A 47 1.48 -1.59 10.05
N ILE A 48 1.56 -0.76 9.03
CA ILE A 48 2.37 0.45 9.10
C ILE A 48 1.84 1.37 10.19
N ILE A 49 0.52 1.61 10.18
CA ILE A 49 -0.15 2.45 11.16
C ILE A 49 0.04 1.92 12.58
N ALA A 50 -0.18 0.63 12.76
CA ALA A 50 -0.03 -0.02 14.06
C ALA A 50 1.40 0.07 14.57
N CYS A 51 2.38 -0.11 13.68
CA CYS A 51 3.78 -0.03 14.05
C CYS A 51 4.17 1.38 14.52
N LYS A 52 3.67 2.40 13.83
CA LYS A 52 3.94 3.79 14.18
C LYS A 52 3.24 4.19 15.49
N ASN A 53 2.17 3.48 15.84
CA ASN A 53 1.42 3.72 17.07
C ASN A 53 2.07 2.97 18.23
N ASN A 54 3.08 2.15 17.90
CA ASN A 54 3.81 1.35 18.88
C ASN A 54 2.93 0.34 19.60
N ASP A 55 1.85 -0.07 18.94
CA ASP A 55 0.90 -1.02 19.48
C ASP A 55 1.33 -2.42 19.00
N LYS A 56 2.12 -3.10 19.82
CA LYS A 56 2.62 -4.43 19.49
C LYS A 56 1.55 -5.47 19.22
N GLU A 57 0.51 -5.50 20.05
CA GLU A 57 -0.56 -6.48 19.87
C GLU A 57 -1.21 -6.31 18.51
N GLU A 58 -1.45 -5.06 18.12
CA GLU A 58 -2.08 -4.76 16.85
C GLU A 58 -1.16 -5.11 15.67
N VAL A 59 0.14 -4.90 15.83
CA VAL A 59 1.10 -5.22 14.79
C VAL A 59 1.05 -6.71 14.49
N VAL A 60 0.97 -7.50 15.56
CA VAL A 60 0.89 -8.95 15.44
C VAL A 60 -0.40 -9.40 14.75
N LYS A 61 -1.53 -8.81 15.14
CA LYS A 61 -2.82 -9.15 14.55
C LYS A 61 -2.87 -8.82 13.07
N GLU A 62 -2.44 -7.60 12.73
CA GLU A 62 -2.43 -7.15 11.35
C GLU A 62 -1.40 -7.91 10.48
N VAL A 64 -0.40 -11.00 10.94
CA VAL A 64 -0.97 -12.33 10.72
C VAL A 64 -2.12 -12.23 9.72
N ASP A 65 -2.81 -11.09 9.73
CA ASP A 65 -3.89 -10.82 8.79
C ASP A 65 -3.33 -10.77 7.38
N VAL A 66 -2.18 -10.12 7.23
CA VAL A 66 -1.51 -10.04 5.94
C VAL A 66 -1.12 -11.45 5.50
N PHE A 67 -0.54 -12.24 6.41
CA PHE A 67 -0.12 -13.61 6.09
C PHE A 67 -1.30 -14.49 5.68
N TYR A 68 -2.40 -14.36 6.40
CA TYR A 68 -3.59 -15.14 6.11
C TYR A 68 -4.08 -14.86 4.69
N HIS A 69 -4.16 -13.57 4.34
CA HIS A 69 -4.62 -13.20 3.01
C HIS A 69 -3.63 -13.61 1.89
N CYS A 70 -2.33 -13.61 2.22
CA CYS A 70 -1.33 -14.04 1.26
C CYS A 70 -1.50 -15.55 0.98
N PHE A 71 -1.81 -16.30 2.03
CA PHE A 71 -2.03 -17.74 1.88
C PHE A 71 -3.31 -18.02 1.09
N VAL A 72 -4.35 -17.24 1.35
CA VAL A 72 -5.60 -17.38 0.62
C VAL A 72 -5.31 -17.10 -0.86
N LEU A 73 -4.49 -16.09 -1.12
CA LEU A 73 -4.09 -15.72 -2.47
C LEU A 73 -3.32 -16.86 -3.15
N LEU A 74 -2.42 -17.50 -2.40
CA LEU A 74 -1.64 -18.62 -2.96
C LEU A 74 -2.61 -19.72 -3.42
N ALA A 75 -3.52 -20.11 -2.54
CA ALA A 75 -4.51 -21.14 -2.84
C ALA A 75 -5.35 -20.77 -4.06
N GLU A 76 -5.76 -19.51 -4.11
CA GLU A 76 -6.55 -18.99 -5.21
C GLU A 76 -5.82 -19.02 -6.55
N LYS A 77 -4.52 -18.72 -6.51
CA LYS A 77 -3.70 -18.71 -7.72
C LYS A 77 -3.07 -20.09 -7.98
N ASN A 78 -3.42 -21.05 -7.14
CA ASN A 78 -2.89 -22.41 -7.25
C ASN A 78 -1.38 -22.47 -7.16
N ILE A 79 -0.84 -21.78 -6.16
CA ILE A 79 0.59 -21.76 -5.93
C ILE A 79 0.82 -22.60 -4.68
N ALA A 80 1.63 -23.64 -4.83
CA ALA A 80 1.94 -24.54 -3.73
C ALA A 80 2.73 -23.85 -2.63
N LEU A 81 2.39 -24.17 -1.38
CA LEU A 81 3.07 -23.60 -0.23
C LEU A 81 4.56 -23.93 -0.23
N GLU A 82 4.91 -25.15 -0.65
CA GLU A 82 6.31 -25.56 -0.68
C GLU A 82 7.16 -24.70 -1.59
N ASP A 83 6.55 -24.11 -2.61
CA ASP A 83 7.26 -23.22 -3.51
C ASP A 83 7.72 -22.00 -2.71
N VAL A 84 6.84 -21.54 -1.82
CA VAL A 84 7.13 -20.41 -0.97
C VAL A 84 8.22 -20.82 0.02
N ARG A 86 10.46 -23.10 -0.27
CA ARG A 86 11.74 -23.29 -0.96
C ARG A 86 12.43 -21.94 -1.04
N GLU A 87 11.66 -20.92 -1.42
CA GLU A 87 12.16 -19.56 -1.54
C GLU A 87 12.63 -19.05 -0.18
N VAL A 88 11.89 -19.37 0.88
CA VAL A 88 12.27 -18.96 2.21
C VAL A 88 13.60 -19.59 2.60
N LYS A 89 13.78 -20.86 2.27
CA LYS A 89 15.02 -21.57 2.58
C LYS A 89 16.19 -21.02 1.78
N GLU A 90 15.95 -20.74 0.49
CA GLU A 90 16.98 -20.19 -0.36
C GLU A 90 17.41 -18.84 0.20
N ARG A 91 16.43 -18.04 0.59
CA ARG A 91 16.67 -16.72 1.15
C ARG A 91 17.48 -16.85 2.44
N ASN A 92 17.18 -17.88 3.21
CA ASN A 92 17.85 -18.15 4.48
C ASN A 92 19.33 -18.43 4.24
N GLY A 93 19.60 -19.26 3.24
CA GLY A 93 20.96 -19.63 2.89
C GLY A 93 21.78 -18.43 2.49
N LYS A 94 21.19 -17.54 1.68
CA LYS A 94 21.87 -16.32 1.23
C LYS A 94 22.34 -15.50 2.43
N LEU A 95 21.48 -15.41 3.45
CA LEU A 95 21.79 -14.68 4.66
C LEU A 95 22.86 -15.43 5.49
N ALA B 4 11.31 -23.26 8.82
CA ALA B 4 11.96 -22.37 7.81
C ALA B 4 11.69 -20.90 8.14
N PHE B 5 10.45 -20.59 8.52
CA PHE B 5 10.11 -19.24 8.90
C PHE B 5 10.84 -18.90 10.20
N LYS B 6 10.94 -19.88 11.09
CA LYS B 6 11.63 -19.70 12.35
C LYS B 6 13.12 -19.54 12.12
N LEU B 7 13.64 -20.28 11.13
CA LEU B 7 15.04 -20.20 10.77
C LEU B 7 15.39 -18.81 10.25
N LEU B 8 14.50 -18.27 9.42
CA LEU B 8 14.67 -16.94 8.84
C LEU B 8 14.67 -15.88 9.94
N TYR B 9 13.73 -16.02 10.87
CA TYR B 9 13.64 -15.08 11.98
C TYR B 9 14.87 -15.12 12.87
N LYS B 10 15.33 -16.33 13.20
CA LYS B 10 16.52 -16.50 14.05
C LYS B 10 17.72 -15.83 13.41
N THR B 11 17.88 -16.05 12.11
CA THR B 11 18.99 -15.49 11.34
C THR B 11 18.96 -13.94 11.38
N ILE B 12 17.76 -13.38 11.27
CA ILE B 12 17.57 -11.93 11.31
C ILE B 12 17.91 -11.42 12.71
N GLU B 13 17.57 -12.21 13.72
CA GLU B 13 17.86 -11.86 15.13
C GLU B 13 19.37 -11.86 15.41
N GLU B 14 20.06 -12.83 14.83
CA GLU B 14 21.51 -12.96 14.98
C GLU B 14 22.24 -11.77 14.37
N ARG B 15 21.67 -11.19 13.32
CA ARG B 15 22.27 -10.03 12.66
C ARG B 15 22.09 -8.76 13.47
N LYS B 16 21.05 -8.73 14.28
CA LYS B 16 20.76 -7.57 15.11
C LYS B 16 21.79 -7.44 16.24
N GLY B 17 22.33 -8.58 16.67
CA GLY B 17 23.32 -8.61 17.73
C GLY B 17 24.76 -8.54 17.24
N SER B 18 25.03 -9.16 16.08
CA SER B 18 26.35 -9.16 15.48
C SER B 18 26.24 -8.47 14.12
N PRO B 19 26.30 -7.13 14.12
CA PRO B 19 26.20 -6.28 12.93
C PRO B 19 27.35 -6.35 11.93
N LEU B 20 26.97 -6.44 10.66
CA LEU B 20 27.90 -6.47 9.53
C LEU B 20 27.35 -5.40 8.62
N PRO B 21 27.92 -4.18 8.69
CA PRO B 21 27.48 -3.04 7.86
C PRO B 21 27.28 -3.38 6.39
N GLU B 22 27.99 -4.42 5.92
CA GLU B 22 27.89 -4.87 4.54
C GLU B 22 26.55 -5.53 4.24
N SER B 23 25.92 -6.08 5.28
CA SER B 23 24.64 -6.77 5.12
C SER B 23 23.41 -5.85 5.02
N TYR B 24 22.44 -6.30 4.23
CA TYR B 24 21.20 -5.57 4.03
C TYR B 24 20.36 -5.49 5.31
N THR B 25 20.34 -6.57 6.08
CA THR B 25 19.59 -6.63 7.32
C THR B 25 20.08 -5.57 8.29
N ASN B 26 21.40 -5.44 8.40
CA ASN B 26 21.97 -4.44 9.30
C ASN B 26 21.70 -3.04 8.79
N TYR B 27 21.69 -2.90 7.46
CA TYR B 27 21.41 -1.61 6.84
C TYR B 27 19.98 -1.20 7.27
N LEU B 28 19.06 -2.15 7.25
CA LEU B 28 17.69 -1.91 7.65
C LEU B 28 17.58 -1.52 9.12
N PHE B 29 18.28 -2.26 9.98
CA PHE B 29 18.27 -1.97 11.42
C PHE B 29 18.85 -0.58 11.69
N SER B 30 19.88 -0.20 10.94
CA SER B 30 20.50 1.11 11.14
C SER B 30 19.57 2.24 10.71
N LYS B 31 18.88 2.06 9.58
CA LYS B 31 17.94 3.08 9.10
C LYS B 31 16.66 3.06 9.93
N GLY B 32 16.36 1.90 10.53
CA GLY B 32 15.20 1.80 11.38
C GLY B 32 13.82 1.49 10.81
N GLU B 33 12.86 1.56 11.72
CA GLU B 33 11.43 1.33 11.50
C GLU B 33 10.84 1.89 10.18
N ASP B 34 11.02 3.19 9.97
CA ASP B 34 10.48 3.86 8.78
C ASP B 34 10.99 3.31 7.45
N LYS B 35 12.23 2.86 7.43
CA LYS B 35 12.80 2.30 6.22
C LYS B 35 12.16 0.94 5.94
N ILE B 36 12.03 0.12 6.97
CA ILE B 36 11.46 -1.22 6.85
C ILE B 36 9.99 -1.15 6.41
N LEU B 37 9.25 -0.22 7.00
CA LEU B 37 7.84 -0.04 6.69
C LEU B 37 7.65 0.36 5.22
N LYS B 38 8.55 1.22 4.73
CA LYS B 38 8.48 1.67 3.34
C LYS B 38 8.70 0.47 2.42
N LYS B 39 9.63 -0.39 2.82
CA LYS B 39 9.93 -1.58 2.05
C LYS B 39 8.73 -2.52 2.00
N ILE B 40 8.04 -2.67 3.13
CA ILE B 40 6.86 -3.51 3.20
C ILE B 40 5.75 -3.00 2.27
N GLY B 41 5.55 -1.67 2.25
CA GLY B 41 4.54 -1.09 1.40
C GLY B 41 4.86 -1.29 -0.08
N GLU B 42 6.12 -1.06 -0.42
CA GLU B 42 6.62 -1.22 -1.79
C GLU B 42 6.47 -2.68 -2.24
N GLU B 43 6.89 -3.60 -1.39
CA GLU B 43 6.82 -5.02 -1.66
C GLU B 43 5.39 -5.51 -1.83
N CYS B 44 4.49 -4.95 -1.03
CA CYS B 44 3.08 -5.32 -1.10
C CYS B 44 2.52 -4.90 -2.47
N ALA B 45 2.90 -3.71 -2.94
CA ALA B 45 2.46 -3.25 -4.24
C ALA B 45 3.04 -4.20 -5.32
N GLU B 46 4.28 -4.64 -5.11
CA GLU B 46 4.90 -5.56 -6.07
C GLU B 46 4.18 -6.90 -6.14
N VAL B 47 3.61 -7.33 -5.01
CA VAL B 47 2.88 -8.59 -4.97
C VAL B 47 1.59 -8.46 -5.77
N ILE B 48 0.92 -7.31 -5.63
CA ILE B 48 -0.32 -7.05 -6.33
C ILE B 48 -0.07 -7.02 -7.86
N ILE B 49 0.96 -6.27 -8.26
CA ILE B 49 1.36 -6.14 -9.66
C ILE B 49 1.74 -7.51 -10.25
N ALA B 50 2.53 -8.28 -9.49
CA ALA B 50 2.96 -9.60 -9.96
C ALA B 50 1.78 -10.54 -10.11
N CYS B 51 0.83 -10.46 -9.18
CA CYS B 51 -0.33 -11.32 -9.21
C CYS B 51 -1.22 -11.03 -10.41
N LYS B 52 -1.37 -9.74 -10.72
CA LYS B 52 -2.17 -9.32 -11.87
C LYS B 52 -1.49 -9.66 -13.20
N ASN B 53 -0.17 -9.85 -13.16
CA ASN B 53 0.62 -10.20 -14.34
C ASN B 53 0.64 -11.71 -14.52
N ASN B 54 0.06 -12.40 -13.53
CA ASN B 54 -0.02 -13.85 -13.52
C ASN B 54 1.36 -14.52 -13.51
N ASP B 55 2.34 -13.81 -12.97
CA ASP B 55 3.71 -14.28 -12.85
C ASP B 55 3.85 -14.96 -11.49
N LYS B 56 3.68 -16.27 -11.45
CA LYS B 56 3.77 -17.01 -10.19
C LYS B 56 5.13 -16.95 -9.51
N GLU B 57 6.21 -17.06 -10.28
CA GLU B 57 7.54 -17.00 -9.70
C GLU B 57 7.76 -15.67 -8.98
N GLU B 58 7.33 -14.58 -9.63
CA GLU B 58 7.46 -13.26 -9.06
C GLU B 58 6.58 -13.06 -7.82
N VAL B 59 5.40 -13.65 -7.81
CA VAL B 59 4.51 -13.54 -6.66
C VAL B 59 5.19 -14.17 -5.44
N VAL B 60 5.83 -15.31 -5.66
CA VAL B 60 6.54 -16.03 -4.61
C VAL B 60 7.72 -15.22 -4.08
N LYS B 61 8.52 -14.65 -4.98
CA LYS B 61 9.68 -13.85 -4.59
C LYS B 61 9.26 -12.63 -3.80
N GLU B 62 8.26 -11.91 -4.30
CA GLU B 62 7.78 -10.71 -3.62
C GLU B 62 7.06 -11.01 -2.31
N VAL B 64 7.69 -13.52 -0.29
CA VAL B 64 8.75 -13.86 0.65
C VAL B 64 9.49 -12.60 1.06
N ASP B 65 9.58 -11.66 0.12
CA ASP B 65 10.21 -10.37 0.38
C ASP B 65 9.41 -9.64 1.46
N VAL B 66 8.08 -9.71 1.35
CA VAL B 66 7.20 -9.08 2.32
C VAL B 66 7.41 -9.74 3.69
N PHE B 67 7.47 -11.07 3.69
CA PHE B 67 7.67 -11.83 4.91
C PHE B 67 9.00 -11.54 5.59
N TYR B 68 10.04 -11.43 4.77
CA TYR B 68 11.37 -11.14 5.29
C TYR B 68 11.37 -9.79 6.00
N HIS B 69 10.80 -8.76 5.35
CA HIS B 69 10.77 -7.43 5.94
C HIS B 69 9.88 -7.37 7.17
N CYS B 70 8.82 -8.18 7.21
CA CYS B 70 7.94 -8.20 8.37
C CYS B 70 8.73 -8.76 9.56
N PHE B 71 9.55 -9.77 9.31
CA PHE B 71 10.35 -10.40 10.35
C PHE B 71 11.43 -9.43 10.83
N VAL B 72 12.02 -8.68 9.91
CA VAL B 72 13.02 -7.70 10.28
C VAL B 72 12.34 -6.66 11.18
N LEU B 73 11.11 -6.29 10.81
CA LEU B 73 10.34 -5.32 11.58
C LEU B 73 10.04 -5.85 12.98
N LEU B 74 9.72 -7.13 13.09
CA LEU B 74 9.44 -7.75 14.38
C LEU B 74 10.67 -7.60 15.29
N ALA B 75 11.83 -8.04 14.78
CA ALA B 75 13.09 -7.95 15.50
C ALA B 75 13.41 -6.52 15.91
N GLU B 76 13.19 -5.58 14.99
CA GLU B 76 13.43 -4.17 15.26
C GLU B 76 12.52 -3.61 16.37
N LYS B 77 11.26 -4.04 16.40
CA LYS B 77 10.32 -3.57 17.41
C LYS B 77 10.33 -4.47 18.64
N ASN B 78 11.25 -5.44 18.66
CA ASN B 78 11.39 -6.38 19.76
C ASN B 78 10.12 -7.16 20.03
N ILE B 79 9.53 -7.70 18.96
CA ILE B 79 8.33 -8.51 19.07
C ILE B 79 8.74 -9.94 18.81
N ALA B 80 8.50 -10.80 19.79
CA ALA B 80 8.87 -12.21 19.69
C ALA B 80 8.09 -12.92 18.60
N LEU B 81 8.78 -13.80 17.88
CA LEU B 81 8.15 -14.57 16.82
C LEU B 81 7.02 -15.46 17.33
N GLU B 82 7.18 -16.02 18.53
CA GLU B 82 6.15 -16.89 19.11
C GLU B 82 4.82 -16.16 19.32
N ASP B 83 4.88 -14.84 19.52
CA ASP B 83 3.68 -14.05 19.70
C ASP B 83 2.89 -14.12 18.39
N VAL B 84 3.62 -14.07 17.28
CA VAL B 84 3.03 -14.14 15.95
C VAL B 84 2.47 -15.54 15.75
N ARG B 86 1.51 -17.67 17.97
CA ARG B 86 0.35 -17.89 18.84
C ARG B 86 -0.89 -17.38 18.10
N GLU B 87 -0.76 -16.20 17.51
CA GLU B 87 -1.83 -15.57 16.75
C GLU B 87 -2.21 -16.44 15.54
N VAL B 88 -1.20 -16.99 14.88
CA VAL B 88 -1.47 -17.84 13.73
C VAL B 88 -2.26 -19.09 14.16
N LYS B 89 -1.89 -19.67 15.29
CA LYS B 89 -2.58 -20.86 15.81
C LYS B 89 -3.99 -20.50 16.23
N GLU B 90 -4.16 -19.37 16.90
CA GLU B 90 -5.48 -18.93 17.33
C GLU B 90 -6.37 -18.75 16.11
N ARG B 91 -5.80 -18.11 15.08
CA ARG B 91 -6.50 -17.85 13.83
C ARG B 91 -6.88 -19.18 13.15
N ASN B 92 -5.99 -20.16 13.28
CA ASN B 92 -6.20 -21.49 12.71
C ASN B 92 -7.41 -22.17 13.38
N GLY B 93 -7.46 -22.06 14.69
CA GLY B 93 -8.55 -22.66 15.45
C GLY B 93 -9.90 -22.08 15.07
N LYS B 94 -9.94 -20.76 14.90
CA LYS B 94 -11.17 -20.05 14.52
C LYS B 94 -11.71 -20.63 13.22
N LEU B 95 -10.80 -20.89 12.28
CA LEU B 95 -11.16 -21.45 10.99
C LEU B 95 -11.56 -22.92 11.14
N ALA C 4 -2.66 24.66 -11.56
CA ALA C 4 -1.34 24.07 -11.20
C ALA C 4 -1.33 22.55 -11.44
N PHE C 5 -2.43 21.89 -11.08
CA PHE C 5 -2.55 20.45 -11.30
C PHE C 5 -2.61 20.20 -12.81
N LYS C 6 -3.28 21.10 -13.53
CA LYS C 6 -3.39 21.01 -14.98
C LYS C 6 -2.05 21.30 -15.62
N LEU C 7 -1.30 22.22 -15.04
CA LEU C 7 0.01 22.58 -15.53
C LEU C 7 0.96 21.39 -15.42
N LEU C 8 0.89 20.69 -14.28
CA LEU C 8 1.70 19.52 -14.00
C LEU C 8 1.40 18.42 -15.01
N TYR C 9 0.10 18.19 -15.24
CA TYR C 9 -0.34 17.18 -16.18
C TYR C 9 0.13 17.49 -17.61
N LYS C 10 -0.03 18.74 -18.03
CA LYS C 10 0.37 19.16 -19.37
C LYS C 10 1.87 18.92 -19.58
N THR C 11 2.66 19.28 -18.57
CA THR C 11 4.11 19.12 -18.62
C THR C 11 4.50 17.64 -18.76
N ILE C 12 3.78 16.77 -18.04
CA ILE C 12 4.02 15.34 -18.08
C ILE C 12 3.65 14.80 -19.47
N GLU C 13 2.59 15.37 -20.05
CA GLU C 13 2.13 14.99 -21.39
C GLU C 13 3.15 15.39 -22.47
N GLU C 14 3.74 16.58 -22.31
CA GLU C 14 4.74 17.08 -23.24
C GLU C 14 5.99 16.21 -23.26
N ARG C 15 6.29 15.58 -22.12
CA ARG C 15 7.45 14.71 -22.00
C ARG C 15 7.23 13.37 -22.69
N LYS C 16 5.97 12.96 -22.76
CA LYS C 16 5.62 11.69 -23.39
C LYS C 16 5.81 11.76 -24.91
N GLY C 17 5.68 12.97 -25.47
CA GLY C 17 5.85 13.17 -26.90
C GLY C 17 7.27 13.56 -27.30
N SER C 18 7.94 14.33 -26.44
CA SER C 18 9.32 14.77 -26.67
C SER C 18 10.17 14.19 -25.55
N PRO C 19 10.60 12.94 -25.70
CA PRO C 19 11.43 12.21 -24.73
C PRO C 19 12.87 12.68 -24.56
N LEU C 20 13.26 12.77 -23.30
CA LEU C 20 14.60 13.16 -22.90
C LEU C 20 14.98 12.06 -21.92
N PRO C 21 15.73 11.04 -22.40
CA PRO C 21 16.18 9.91 -21.58
C PRO C 21 16.73 10.32 -20.21
N GLU C 22 17.25 11.54 -20.14
CA GLU C 22 17.83 12.07 -18.90
C GLU C 22 16.76 12.35 -17.85
N SER C 23 15.53 12.60 -18.29
CA SER C 23 14.43 12.91 -17.38
C SER C 23 13.79 11.68 -16.70
N TYR C 24 13.34 11.92 -15.47
CA TYR C 24 12.69 10.90 -14.67
C TYR C 24 11.34 10.47 -15.25
N THR C 25 10.62 11.45 -15.79
CA THR C 25 9.30 11.19 -16.39
C THR C 25 9.43 10.22 -17.57
N ASN C 26 10.45 10.45 -18.40
CA ASN C 26 10.67 9.57 -19.54
C ASN C 26 11.15 8.20 -19.09
N TYR C 27 11.92 8.17 -18.01
CA TYR C 27 12.40 6.92 -17.43
C TYR C 27 11.17 6.09 -17.02
N LEU C 28 10.17 6.76 -16.44
CA LEU C 28 8.95 6.11 -16.01
C LEU C 28 8.15 5.57 -17.18
N PHE C 29 8.01 6.39 -18.23
CA PHE C 29 7.28 5.98 -19.42
C PHE C 29 7.97 4.80 -20.09
N SER C 30 9.30 4.78 -20.10
CA SER C 30 10.03 3.69 -20.72
C SER C 30 9.88 2.39 -19.94
N LYS C 31 9.91 2.47 -18.62
CA LYS C 31 9.75 1.27 -17.79
C LYS C 31 8.28 0.85 -17.77
N GLY C 32 7.39 1.80 -17.98
CA GLY C 32 5.98 1.50 -18.01
C GLY C 32 5.15 1.47 -16.75
N GLU C 33 3.91 1.04 -16.99
CA GLU C 33 2.85 0.91 -16.00
C GLU C 33 3.25 0.32 -14.64
N ASP C 34 3.87 -0.85 -14.66
CA ASP C 34 4.29 -1.54 -13.45
C ASP C 34 5.28 -0.76 -12.58
N LYS C 35 6.14 0.04 -13.21
CA LYS C 35 7.10 0.83 -12.48
C LYS C 35 6.36 1.97 -11.77
N ILE C 36 5.47 2.63 -12.49
CA ILE C 36 4.71 3.76 -11.96
C ILE C 36 3.83 3.33 -10.78
N LEU C 37 3.20 2.18 -10.93
CA LEU C 37 2.33 1.62 -9.90
C LEU C 37 3.10 1.30 -8.64
N LYS C 38 4.32 0.78 -8.79
CA LYS C 38 5.17 0.46 -7.66
C LYS C 38 5.52 1.75 -6.92
N LYS C 39 5.77 2.80 -7.68
CA LYS C 39 6.09 4.11 -7.12
C LYS C 39 4.92 4.67 -6.31
N ILE C 40 3.71 4.50 -6.83
CA ILE C 40 2.52 4.99 -6.17
C ILE C 40 2.32 4.27 -4.83
N GLY C 41 2.58 2.96 -4.81
CA GLY C 41 2.41 2.19 -3.59
C GLY C 41 3.42 2.59 -2.54
N GLU C 42 4.66 2.77 -2.99
CA GLU C 42 5.77 3.18 -2.13
C GLU C 42 5.50 4.56 -1.53
N GLU C 43 5.09 5.49 -2.39
CA GLU C 43 4.80 6.85 -2.00
C GLU C 43 3.63 6.94 -1.04
N CYS C 44 2.64 6.08 -1.23
CA CYS C 44 1.48 6.06 -0.37
C CYS C 44 1.91 5.62 1.03
N ALA C 45 2.82 4.64 1.09
CA ALA C 45 3.34 4.18 2.36
C ALA C 45 4.12 5.32 3.03
N GLU C 46 4.85 6.11 2.23
CA GLU C 46 5.62 7.22 2.76
C GLU C 46 4.72 8.32 3.32
N VAL C 47 3.53 8.46 2.76
CA VAL C 47 2.59 9.46 3.23
C VAL C 47 2.08 9.03 4.60
N ILE C 48 1.80 7.75 4.74
CA ILE C 48 1.30 7.20 6.00
C ILE C 48 2.34 7.40 7.11
N ILE C 49 3.57 7.01 6.80
CA ILE C 49 4.70 7.11 7.72
C ILE C 49 4.95 8.58 8.12
N ALA C 50 4.95 9.47 7.14
CA ALA C 50 5.17 10.88 7.38
C ALA C 50 4.07 11.47 8.25
N CYS C 51 2.84 11.08 7.98
CA CYS C 51 1.71 11.57 8.75
C CYS C 51 1.77 11.13 10.23
N LYS C 52 2.19 9.90 10.46
CA LYS C 52 2.30 9.38 11.82
C LYS C 52 3.48 10.01 12.57
N ASN C 53 4.45 10.51 11.80
CA ASN C 53 5.62 11.18 12.35
C ASN C 53 5.30 12.64 12.64
N ASN C 54 4.12 13.07 12.19
CA ASN C 54 3.66 14.45 12.36
C ASN C 54 4.54 15.47 11.66
N ASP C 55 5.17 15.03 10.59
CA ASP C 55 6.06 15.85 9.79
C ASP C 55 5.23 16.41 8.63
N LYS C 56 4.70 17.61 8.82
CA LYS C 56 3.88 18.24 7.78
C LYS C 56 4.57 18.47 6.45
N GLU C 57 5.80 18.96 6.49
CA GLU C 57 6.53 19.22 5.26
C GLU C 57 6.68 17.95 4.44
N GLU C 58 6.98 16.85 5.11
CA GLU C 58 7.16 15.57 4.46
C GLU C 58 5.83 15.04 3.90
N VAL C 59 4.74 15.26 4.64
CA VAL C 59 3.42 14.81 4.19
C VAL C 59 3.11 15.47 2.85
N VAL C 60 3.40 16.78 2.77
CA VAL C 60 3.16 17.56 1.57
C VAL C 60 4.01 17.08 0.38
N LYS C 61 5.29 16.82 0.62
CA LYS C 61 6.19 16.36 -0.42
C LYS C 61 5.77 14.98 -0.95
N GLU C 62 5.47 14.08 -0.03
CA GLU C 62 5.05 12.74 -0.42
C GLU C 62 3.67 12.71 -1.08
N VAL C 64 2.31 15.12 -2.85
CA VAL C 64 2.51 15.66 -4.20
C VAL C 64 3.24 14.63 -5.07
N ASP C 65 4.06 13.81 -4.43
CA ASP C 65 4.77 12.74 -5.11
C ASP C 65 3.74 11.74 -5.62
N VAL C 66 2.78 11.40 -4.78
CA VAL C 66 1.71 10.48 -5.14
C VAL C 66 0.94 11.06 -6.32
N PHE C 67 0.59 12.34 -6.24
CA PHE C 67 -0.15 13.01 -7.30
C PHE C 67 0.61 13.05 -8.63
N TYR C 68 1.91 13.34 -8.54
CA TYR C 68 2.75 13.38 -9.73
C TYR C 68 2.75 12.02 -10.42
N HIS C 69 2.91 10.94 -9.66
CA HIS C 69 2.93 9.61 -10.24
C HIS C 69 1.57 9.17 -10.78
N CYS C 70 0.50 9.63 -10.13
CA CYS C 70 -0.85 9.32 -10.60
C CYS C 70 -1.07 9.98 -11.97
N PHE C 71 -0.56 11.21 -12.15
CA PHE C 71 -0.69 11.91 -13.42
C PHE C 71 0.15 11.25 -14.50
N VAL C 72 1.36 10.81 -14.13
CA VAL C 72 2.22 10.10 -15.07
C VAL C 72 1.47 8.85 -15.52
N LEU C 73 0.82 8.17 -14.56
CA LEU C 73 0.05 6.96 -14.84
C LEU C 73 -1.11 7.27 -15.80
N LEU C 74 -1.79 8.40 -15.60
CA LEU C 74 -2.89 8.80 -16.47
C LEU C 74 -2.39 8.92 -17.92
N ALA C 75 -1.32 9.69 -18.08
CA ALA C 75 -0.70 9.90 -19.39
C ALA C 75 -0.28 8.58 -20.04
N GLU C 76 0.30 7.70 -19.24
CA GLU C 76 0.73 6.39 -19.70
C GLU C 76 -0.43 5.50 -20.17
N LYS C 77 -1.55 5.55 -19.46
CA LYS C 77 -2.73 4.76 -19.79
C LYS C 77 -3.65 5.52 -20.77
N ASN C 78 -3.22 6.70 -21.19
CA ASN C 78 -3.99 7.54 -22.11
C ASN C 78 -5.36 7.91 -21.54
N ILE C 79 -5.37 8.37 -20.30
CA ILE C 79 -6.61 8.79 -19.65
C ILE C 79 -6.53 10.29 -19.55
N ALA C 80 -7.51 10.96 -20.14
CA ALA C 80 -7.56 12.42 -20.15
C ALA C 80 -7.76 12.99 -18.76
N LEU C 81 -7.08 14.10 -18.48
CA LEU C 81 -7.17 14.74 -17.19
C LEU C 81 -8.61 15.21 -16.89
N GLU C 82 -9.30 15.69 -17.92
CA GLU C 82 -10.66 16.18 -17.75
C GLU C 82 -11.61 15.11 -17.25
N ASP C 83 -11.31 13.84 -17.56
CA ASP C 83 -12.13 12.73 -17.08
C ASP C 83 -12.04 12.69 -15.55
N VAL C 84 -10.83 12.94 -15.05
CA VAL C 84 -10.57 12.97 -13.62
C VAL C 84 -11.29 14.18 -13.02
N ARG C 86 -13.88 15.74 -14.13
CA ARG C 86 -15.33 15.53 -14.17
C ARG C 86 -15.73 14.77 -12.92
N GLU C 87 -14.97 13.72 -12.62
CA GLU C 87 -15.20 12.90 -11.44
C GLU C 87 -15.05 13.72 -10.17
N VAL C 88 -14.07 14.62 -10.14
CA VAL C 88 -13.86 15.46 -8.95
C VAL C 88 -15.07 16.37 -8.76
N LYS C 89 -15.57 16.94 -9.86
CA LYS C 89 -16.72 17.83 -9.80
C LYS C 89 -17.98 17.08 -9.37
N GLU C 90 -18.17 15.87 -9.92
CA GLU C 90 -19.32 15.05 -9.57
C GLU C 90 -19.27 14.74 -8.08
N ARG C 91 -18.07 14.39 -7.61
CA ARG C 91 -17.85 14.06 -6.21
C ARG C 91 -18.15 15.28 -5.34
N ASN C 92 -17.79 16.45 -5.86
CA ASN C 92 -18.00 17.71 -5.16
C ASN C 92 -19.49 17.97 -4.97
N GLY C 93 -20.27 17.74 -6.03
CA GLY C 93 -21.70 17.93 -5.99
C GLY C 93 -22.36 17.03 -4.97
N LYS C 94 -21.95 15.77 -4.92
CA LYS C 94 -22.49 14.78 -3.98
C LYS C 94 -22.34 15.29 -2.55
N LEU C 95 -21.18 15.88 -2.27
CA LEU C 95 -20.90 16.44 -0.95
C LEU C 95 -21.72 17.70 -0.70
N ALA D 4 -11.55 23.16 -9.03
CA ALA D 4 -12.33 21.93 -8.67
C ALA D 4 -11.68 21.23 -7.47
N PHE D 5 -10.36 21.11 -7.50
CA PHE D 5 -9.64 20.52 -6.39
C PHE D 5 -9.78 21.43 -5.17
N LYS D 6 -9.76 22.74 -5.42
CA LYS D 6 -9.92 23.72 -4.35
C LYS D 6 -11.34 23.68 -3.81
N LEU D 7 -12.30 23.45 -4.70
CA LEU D 7 -13.70 23.37 -4.33
C LEU D 7 -13.93 22.17 -3.41
N LEU D 8 -13.32 21.04 -3.76
CA LEU D 8 -13.40 19.81 -3.01
C LEU D 8 -12.82 20.00 -1.60
N TYR D 9 -11.65 20.63 -1.54
CA TYR D 9 -10.99 20.89 -0.28
C TYR D 9 -11.82 21.82 0.61
N LYS D 10 -12.35 22.89 0.04
CA LYS D 10 -13.17 23.85 0.77
C LYS D 10 -14.39 23.16 1.38
N THR D 11 -15.02 22.31 0.58
CA THR D 11 -16.21 21.57 1.01
C THR D 11 -15.89 20.64 2.19
N ILE D 12 -14.72 20.00 2.11
CA ILE D 12 -14.26 19.10 3.17
C ILE D 12 -13.98 19.91 4.43
N GLU D 13 -13.47 21.12 4.26
CA GLU D 13 -13.16 22.03 5.37
C GLU D 13 -14.44 22.49 6.07
N GLU D 14 -15.46 22.77 5.28
CA GLU D 14 -16.76 23.23 5.78
C GLU D 14 -17.43 22.16 6.63
N ARG D 15 -17.16 20.89 6.31
CA ARG D 15 -17.72 19.77 7.05
C ARG D 15 -17.03 19.57 8.40
N LYS D 16 -15.78 19.98 8.49
CA LYS D 16 -15.01 19.85 9.72
C LYS D 16 -15.53 20.83 10.78
N GLY D 17 -16.09 21.96 10.33
CA GLY D 17 -16.62 22.96 11.24
C GLY D 17 -18.10 22.78 11.55
N SER D 18 -18.86 22.32 10.56
CA SER D 18 -20.30 22.08 10.72
C SER D 18 -20.55 20.60 10.48
N PRO D 19 -20.35 19.77 11.53
CA PRO D 19 -20.52 18.33 11.50
C PRO D 19 -21.95 17.80 11.34
N LEU D 20 -22.06 16.82 10.46
CA LEU D 20 -23.32 16.14 10.17
C LEU D 20 -22.94 14.67 10.31
N PRO D 21 -23.21 14.06 11.48
CA PRO D 21 -22.89 12.65 11.74
C PRO D 21 -23.28 11.69 10.62
N GLU D 22 -24.28 12.10 9.84
CA GLU D 22 -24.78 11.30 8.72
C GLU D 22 -23.77 11.25 7.56
N SER D 23 -22.92 12.27 7.48
CA SER D 23 -21.93 12.35 6.41
C SER D 23 -20.66 11.51 6.61
N TYR D 24 -20.14 11.01 5.50
CA TYR D 24 -18.94 10.19 5.49
C TYR D 24 -17.70 10.98 5.91
N THR D 25 -17.63 12.25 5.50
CA THR D 25 -16.51 13.10 5.84
C THR D 25 -16.41 13.29 7.36
N ASN D 26 -17.55 13.52 7.99
CA ASN D 26 -17.56 13.69 9.44
C ASN D 26 -17.26 12.37 10.13
N TYR D 27 -17.68 11.27 9.52
CA TYR D 27 -17.40 9.95 10.06
C TYR D 27 -15.87 9.78 10.09
N LEU D 28 -15.20 10.23 9.03
CA LEU D 28 -13.75 10.14 8.94
C LEU D 28 -13.07 11.01 9.99
N PHE D 29 -13.53 12.24 10.14
CA PHE D 29 -12.97 13.16 11.13
C PHE D 29 -13.15 12.62 12.54
N SER D 30 -14.29 11.99 12.80
CA SER D 30 -14.53 11.44 14.13
C SER D 30 -13.60 10.25 14.41
N LYS D 31 -13.42 9.37 13.43
CA LYS D 31 -12.54 8.22 13.62
C LYS D 31 -11.07 8.67 13.60
N GLY D 32 -10.81 9.79 12.93
CA GLY D 32 -9.47 10.32 12.88
C GLY D 32 -8.46 9.83 11.85
N GLU D 33 -7.25 10.34 12.03
CA GLU D 33 -6.07 10.08 11.21
C GLU D 33 -5.85 8.62 10.74
N ASP D 34 -5.87 7.68 11.68
CA ASP D 34 -5.65 6.26 11.36
C ASP D 34 -6.68 5.65 10.40
N LYS D 35 -7.92 6.11 10.50
CA LYS D 35 -8.98 5.61 9.63
C LYS D 35 -8.74 6.12 8.21
N ILE D 36 -8.41 7.40 8.10
CA ILE D 36 -8.17 8.06 6.81
C ILE D 36 -6.97 7.43 6.09
N LEU D 37 -5.90 7.19 6.84
CA LEU D 37 -4.70 6.59 6.29
C LEU D 37 -4.96 5.18 5.77
N LYS D 38 -5.79 4.43 6.48
CA LYS D 38 -6.16 3.07 6.07
C LYS D 38 -6.90 3.15 4.73
N LYS D 39 -7.79 4.14 4.61
CA LYS D 39 -8.55 4.34 3.40
C LYS D 39 -7.64 4.66 2.20
N ILE D 40 -6.63 5.49 2.45
CA ILE D 40 -5.69 5.89 1.43
C ILE D 40 -4.92 4.68 0.92
N GLY D 41 -4.51 3.79 1.83
CA GLY D 41 -3.76 2.60 1.47
C GLY D 41 -4.61 1.64 0.65
N GLU D 42 -5.85 1.46 1.10
CA GLU D 42 -6.81 0.60 0.44
C GLU D 42 -7.12 1.11 -0.98
N GLU D 43 -7.36 2.41 -1.07
CA GLU D 43 -7.68 3.06 -2.34
C GLU D 43 -6.51 3.00 -3.32
N CYS D 44 -5.30 3.13 -2.78
CA CYS D 44 -4.10 3.04 -3.60
C CYS D 44 -4.00 1.65 -4.23
N ALA D 45 -4.31 0.62 -3.44
CA ALA D 45 -4.30 -0.74 -3.95
C ALA D 45 -5.36 -0.88 -5.04
N GLU D 46 -6.51 -0.26 -4.82
CA GLU D 46 -7.59 -0.30 -5.79
C GLU D 46 -7.21 0.35 -7.12
N VAL D 47 -6.38 1.38 -7.06
CA VAL D 47 -5.93 2.06 -8.25
C VAL D 47 -5.00 1.13 -9.06
N ILE D 48 -4.13 0.42 -8.34
CA ILE D 48 -3.20 -0.51 -8.95
C ILE D 48 -3.96 -1.62 -9.66
N ILE D 49 -4.90 -2.23 -8.94
CA ILE D 49 -5.73 -3.31 -9.46
C ILE D 49 -6.55 -2.86 -10.67
N ALA D 50 -7.17 -1.69 -10.55
CA ALA D 50 -7.97 -1.14 -11.64
C ALA D 50 -7.12 -0.87 -12.89
N CYS D 51 -5.92 -0.34 -12.68
CA CYS D 51 -5.03 -0.05 -13.78
C CYS D 51 -4.60 -1.32 -14.52
N LYS D 52 -4.31 -2.38 -13.78
CA LYS D 52 -3.91 -3.65 -14.36
C LYS D 52 -5.07 -4.34 -15.07
N ASN D 53 -6.29 -3.99 -14.69
CA ASN D 53 -7.50 -4.53 -15.30
C ASN D 53 -7.85 -3.75 -16.55
N ASN D 54 -7.13 -2.64 -16.76
CA ASN D 54 -7.32 -1.76 -17.91
C ASN D 54 -8.69 -1.10 -17.91
N ASP D 55 -9.26 -0.97 -16.72
CA ASP D 55 -10.57 -0.36 -16.55
C ASP D 55 -10.35 1.12 -16.27
N LYS D 56 -10.42 1.93 -17.31
CA LYS D 56 -10.21 3.37 -17.18
C LYS D 56 -11.18 4.09 -16.26
N GLU D 57 -12.47 3.76 -16.36
CA GLU D 57 -13.48 4.39 -15.52
C GLU D 57 -13.17 4.16 -14.04
N GLU D 58 -12.80 2.92 -13.72
CA GLU D 58 -12.47 2.55 -12.35
C GLU D 58 -11.20 3.24 -11.85
N VAL D 59 -10.20 3.39 -12.74
CA VAL D 59 -8.96 4.06 -12.40
C VAL D 59 -9.26 5.50 -11.97
N VAL D 60 -10.16 6.14 -12.72
CA VAL D 60 -10.56 7.52 -12.43
C VAL D 60 -11.29 7.65 -11.11
N LYS D 61 -12.24 6.75 -10.86
CA LYS D 61 -13.01 6.76 -9.61
C LYS D 61 -12.10 6.53 -8.40
N GLU D 62 -11.24 5.53 -8.51
CA GLU D 62 -10.32 5.21 -7.43
C GLU D 62 -9.25 6.28 -7.19
N VAL D 64 -9.59 9.51 -7.82
CA VAL D 64 -10.28 10.64 -7.19
C VAL D 64 -10.58 10.29 -5.72
N ASP D 65 -10.79 9.00 -5.46
CA ASP D 65 -11.04 8.51 -4.12
C ASP D 65 -9.77 8.74 -3.28
N VAL D 66 -8.63 8.46 -3.88
CA VAL D 66 -7.35 8.67 -3.21
C VAL D 66 -7.19 10.18 -2.90
N PHE D 67 -7.51 11.02 -3.89
CA PHE D 67 -7.39 12.46 -3.73
C PHE D 67 -8.33 13.01 -2.66
N TYR D 68 -9.56 12.50 -2.64
CA TYR D 68 -10.53 12.93 -1.67
C TYR D 68 -10.04 12.63 -0.24
N HIS D 69 -9.55 11.41 -0.02
CA HIS D 69 -9.05 11.03 1.28
C HIS D 69 -7.78 11.78 1.67
N CYS D 70 -6.95 12.15 0.68
CA CYS D 70 -5.74 12.91 0.97
C CYS D 70 -6.16 14.33 1.45
N PHE D 71 -7.19 14.90 0.84
CA PHE D 71 -7.68 16.21 1.23
C PHE D 71 -8.33 16.16 2.61
N VAL D 72 -9.06 15.08 2.90
CA VAL D 72 -9.65 14.92 4.21
C VAL D 72 -8.51 14.87 5.25
N LEU D 73 -7.45 14.14 4.90
CA LEU D 73 -6.29 14.00 5.76
C LEU D 73 -5.63 15.37 6.01
N LEU D 74 -5.54 16.21 4.96
CA LEU D 74 -4.94 17.54 5.10
C LEU D 74 -5.72 18.36 6.12
N ALA D 75 -7.03 18.43 5.93
CA ALA D 75 -7.93 19.14 6.83
C ALA D 75 -7.79 18.62 8.26
N GLU D 76 -7.73 17.30 8.41
CA GLU D 76 -7.59 16.65 9.73
C GLU D 76 -6.27 17.03 10.41
N LYS D 77 -5.19 17.09 9.65
CA LYS D 77 -3.87 17.43 10.19
C LYS D 77 -3.65 18.94 10.18
N ASN D 78 -4.66 19.69 9.77
CA ASN D 78 -4.59 21.15 9.68
C ASN D 78 -3.47 21.64 8.77
N ILE D 79 -3.41 21.04 7.58
CA ILE D 79 -2.42 21.43 6.59
C ILE D 79 -3.17 22.18 5.51
N ALA D 80 -2.76 23.42 5.29
CA ALA D 80 -3.39 24.28 4.29
C ALA D 80 -3.19 23.76 2.88
N LEU D 81 -4.24 23.87 2.07
CA LEU D 81 -4.18 23.42 0.69
C LEU D 81 -3.12 24.15 -0.11
N GLU D 82 -2.96 25.45 0.15
CA GLU D 82 -1.97 26.24 -0.58
C GLU D 82 -0.54 25.74 -0.38
N ASP D 83 -0.28 25.08 0.75
CA ASP D 83 1.03 24.52 1.01
C ASP D 83 1.29 23.43 -0.02
N VAL D 84 0.24 22.65 -0.31
CA VAL D 84 0.30 21.58 -1.30
C VAL D 84 0.45 22.20 -2.68
N ARG D 86 1.73 25.06 -3.46
CA ARG D 86 3.07 25.67 -3.59
C ARG D 86 4.03 24.58 -4.06
N GLU D 87 3.94 23.43 -3.41
CA GLU D 87 4.77 22.27 -3.72
C GLU D 87 4.52 21.81 -5.16
N VAL D 88 3.24 21.82 -5.59
CA VAL D 88 2.92 21.41 -6.95
C VAL D 88 3.56 22.37 -7.95
N LYS D 89 3.50 23.66 -7.67
CA LYS D 89 4.09 24.68 -8.54
C LYS D 89 5.61 24.57 -8.57
N GLU D 90 6.22 24.31 -7.42
CA GLU D 90 7.67 24.17 -7.33
C GLU D 90 8.08 22.97 -8.16
N ARG D 91 7.32 21.89 -8.01
CA ARG D 91 7.56 20.65 -8.73
C ARG D 91 7.43 20.89 -10.24
N ASN D 92 6.46 21.73 -10.60
CA ASN D 92 6.20 22.09 -12.00
C ASN D 92 7.40 22.80 -12.60
N GLY D 93 7.94 23.75 -11.84
CA GLY D 93 9.10 24.52 -12.27
C GLY D 93 10.30 23.63 -12.53
N LYS D 94 10.55 22.69 -11.63
CA LYS D 94 11.67 21.75 -11.75
C LYS D 94 11.59 21.00 -13.08
N LEU D 95 10.37 20.59 -13.44
CA LEU D 95 10.13 19.89 -14.68
C LEU D 95 10.31 20.81 -15.88
#